data_1X7V
#
_entry.id   1X7V
#
_cell.length_a   104.555
_cell.length_b   38.395
_cell.length_c   63.720
_cell.angle_alpha   90.00
_cell.angle_beta   90.00
_cell.angle_gamma   90.00
#
_symmetry.space_group_name_H-M   'P 21 21 2'
#
loop_
_entity.id
_entity.type
_entity.pdbx_description
1 polymer 'PA3566 protein'
2 non-polymer 'SULFATE ION'
3 water water
#
_entity_poly.entity_id   1
_entity_poly.type   'polypeptide(L)'
_entity_poly.pdbx_seq_one_letter_code
;GH(MSE)STPLTLIATITAAPGHAEALERELRALVAPSRAEAGCLQYDLHQDRHDSHLFY(MSE)IEQWRDDAALERHQN
TEHFLRFSRGNEALLQNVKIDQLYRLA
;
_entity_poly.pdbx_strand_id   A,B,C
#
loop_
_chem_comp.id
_chem_comp.type
_chem_comp.name
_chem_comp.formula
SO4 non-polymer 'SULFATE ION' 'O4 S -2'
#
# COMPACT_ATOMS: atom_id res chain seq x y z
N HIS A 2 21.19 -7.98 -18.15
CA HIS A 2 21.44 -6.70 -18.77
C HIS A 2 22.37 -6.64 -20.03
N MSE A 3 22.97 -5.48 -20.36
CA MSE A 3 23.97 -5.32 -21.46
C MSE A 3 24.04 -3.96 -22.16
O MSE A 3 23.95 -2.90 -21.53
CB MSE A 3 23.70 -6.40 -22.53
CG MSE A 3 23.71 -7.83 -22.01
SE MSE A 3 25.50 -8.61 -21.96
CE MSE A 3 25.62 -9.21 -23.83
N SER A 4 24.55 -3.87 -23.42
CA SER A 4 24.27 -2.94 -24.52
C SER A 4 22.76 -2.90 -24.85
N THR A 5 22.00 -3.85 -24.29
CA THR A 5 20.57 -3.88 -24.53
C THR A 5 19.93 -2.82 -23.64
N PRO A 6 19.05 -1.99 -24.21
CA PRO A 6 18.31 -1.10 -23.30
C PRO A 6 17.52 -1.85 -22.21
N LEU A 7 17.34 -1.17 -21.08
CA LEU A 7 16.43 -1.60 -20.03
C LEU A 7 14.99 -1.28 -20.42
N THR A 8 14.15 -2.29 -20.51
CA THR A 8 12.73 -2.05 -20.71
C THR A 8 12.05 -2.04 -19.34
N LEU A 9 11.13 -1.12 -19.13
CA LEU A 9 10.34 -1.03 -17.90
C LEU A 9 8.90 -1.04 -18.33
N ILE A 10 8.06 -1.83 -17.66
CA ILE A 10 6.62 -1.75 -17.85
C ILE A 10 6.04 -1.43 -16.48
N ALA A 11 5.35 -0.31 -16.40
CA ALA A 11 4.72 0.15 -15.16
C ALA A 11 3.24 -0.09 -15.37
N THR A 12 2.63 -0.92 -14.54
CA THR A 12 1.18 -1.15 -14.58
C THR A 12 0.61 -0.38 -13.40
N ILE A 13 -0.17 0.67 -13.72
CA ILE A 13 -0.70 1.59 -12.74
C ILE A 13 -2.23 1.42 -12.70
N THR A 14 -2.76 1.20 -11.51
CA THR A 14 -4.22 0.97 -11.31
C THR A 14 -4.75 2.13 -10.50
N ALA A 15 -5.73 2.86 -11.07
CA ALA A 15 -6.37 3.96 -10.36
C ALA A 15 -7.34 3.43 -9.31
N ALA A 16 -7.49 4.17 -8.23
CA ALA A 16 -8.49 3.91 -7.25
C ALA A 16 -9.86 3.96 -7.97
N PRO A 17 -10.80 3.11 -7.56
CA PRO A 17 -12.14 3.14 -8.17
C PRO A 17 -12.76 4.55 -8.29
N GLY A 18 -13.26 4.87 -9.49
CA GLY A 18 -13.83 6.18 -9.75
C GLY A 18 -12.85 7.24 -10.21
N HIS A 19 -11.52 6.99 -10.07
CA HIS A 19 -10.48 7.98 -10.38
C HIS A 19 -9.68 7.77 -11.65
N ALA A 20 -10.17 6.99 -12.62
CA ALA A 20 -9.47 6.72 -13.87
C ALA A 20 -9.18 7.99 -14.68
N GLU A 21 -10.15 8.88 -14.78
CA GLU A 21 -9.96 10.05 -15.58
C GLU A 21 -8.91 10.98 -15.01
N ALA A 22 -8.90 11.12 -13.69
CA ALA A 22 -7.94 11.98 -13.00
C ALA A 22 -6.53 11.38 -13.18
N LEU A 23 -6.42 10.09 -12.99
CA LEU A 23 -5.11 9.45 -13.17
C LEU A 23 -4.54 9.54 -14.63
N GLU A 24 -5.39 9.33 -15.63
CA GLU A 24 -5.02 9.48 -17.03
C GLU A 24 -4.50 10.89 -17.30
N ARG A 25 -5.18 11.92 -16.77
CA ARG A 25 -4.77 13.32 -16.91
C ARG A 25 -3.35 13.46 -16.40
N GLU A 26 -3.08 12.90 -15.24
CA GLU A 26 -1.79 13.01 -14.60
C GLU A 26 -0.70 12.24 -15.34
N LEU A 27 -1.01 11.02 -15.74
CA LEU A 27 -0.07 10.17 -16.54
C LEU A 27 0.27 10.78 -17.89
N ARG A 28 -0.71 11.39 -18.55
CA ARG A 28 -0.47 11.97 -19.89
C ARG A 28 0.62 13.09 -19.82
N ALA A 29 0.65 13.77 -18.69
CA ALA A 29 1.56 14.90 -18.47
C ALA A 29 2.99 14.44 -18.49
N LEU A 30 3.18 13.16 -18.15
CA LEU A 30 4.55 12.61 -18.11
C LEU A 30 5.20 12.40 -19.48
N VAL A 31 4.38 12.20 -20.51
CA VAL A 31 4.86 11.60 -21.72
C VAL A 31 5.82 12.48 -22.55
N ALA A 32 5.40 13.70 -22.92
CA ALA A 32 6.23 14.52 -23.77
C ALA A 32 7.57 14.84 -23.08
N PRO A 33 7.54 15.28 -21.81
CA PRO A 33 8.84 15.61 -21.23
C PRO A 33 9.72 14.38 -21.05
N SER A 34 9.12 13.24 -20.75
CA SER A 34 9.93 12.01 -20.58
C SER A 34 10.56 11.56 -21.89
N ARG A 35 9.81 11.64 -22.99
CA ARG A 35 10.32 11.23 -24.30
C ARG A 35 11.55 12.06 -24.72
N ALA A 36 11.62 13.31 -24.25
CA ALA A 36 12.68 14.24 -24.60
C ALA A 36 13.97 13.95 -23.83
N GLU A 37 13.85 13.22 -22.71
CA GLU A 37 15.01 13.02 -21.84
C GLU A 37 16.13 12.23 -22.53
N ALA A 38 17.38 12.62 -22.22
CA ALA A 38 18.55 11.87 -22.63
C ALA A 38 18.34 10.39 -22.28
N GLY A 39 18.70 9.51 -23.20
CA GLY A 39 18.64 8.09 -22.99
C GLY A 39 17.25 7.46 -23.06
N CYS A 40 16.20 8.25 -23.32
CA CYS A 40 14.86 7.70 -23.41
C CYS A 40 14.61 7.18 -24.81
N LEU A 41 14.55 5.86 -24.93
CA LEU A 41 14.30 5.19 -26.19
C LEU A 41 12.84 4.90 -26.48
N GLN A 42 12.02 4.87 -25.44
CA GLN A 42 10.58 4.69 -25.63
C GLN A 42 9.92 5.18 -24.35
N TYR A 43 8.77 5.83 -24.48
CA TYR A 43 7.97 6.21 -23.31
C TYR A 43 6.56 6.39 -23.81
N ASP A 44 5.78 5.33 -23.69
CA ASP A 44 4.45 5.24 -24.26
C ASP A 44 3.42 4.87 -23.20
N LEU A 45 2.32 5.62 -23.17
CA LEU A 45 1.19 5.43 -22.26
C LEU A 45 0.04 4.69 -22.95
N HIS A 46 -0.59 3.77 -22.23
CA HIS A 46 -1.65 2.93 -22.79
C HIS A 46 -2.76 2.76 -21.73
N GLN A 47 -3.97 2.49 -22.16
CA GLN A 47 -5.04 2.13 -21.23
C GLN A 47 -5.49 0.71 -21.58
N ASP A 48 -5.72 -0.08 -20.56
CA ASP A 48 -6.31 -1.41 -20.69
C ASP A 48 -7.60 -1.45 -21.53
N ARG A 49 -7.75 -2.49 -22.31
CA ARG A 49 -8.92 -2.61 -23.19
C ARG A 49 -10.21 -2.88 -22.42
N HIS A 50 -10.12 -3.51 -21.26
CA HIS A 50 -11.33 -3.93 -20.51
C HIS A 50 -11.60 -3.28 -19.18
N ASP A 51 -10.59 -2.64 -18.56
CA ASP A 51 -10.76 -1.98 -17.27
C ASP A 51 -10.15 -0.59 -17.40
N SER A 52 -10.99 0.44 -17.35
CA SER A 52 -10.55 1.83 -17.55
C SER A 52 -9.55 2.31 -16.47
N HIS A 53 -9.55 1.65 -15.31
CA HIS A 53 -8.64 1.99 -14.21
C HIS A 53 -7.21 1.51 -14.35
N LEU A 54 -6.92 0.75 -15.41
CA LEU A 54 -5.59 0.14 -15.62
C LEU A 54 -4.88 0.79 -16.80
N PHE A 55 -3.68 1.26 -16.51
CA PHE A 55 -2.80 1.95 -17.46
C PHE A 55 -1.45 1.29 -17.43
N TYR A 56 -0.74 1.43 -18.55
CA TYR A 56 0.57 0.77 -18.72
C TYR A 56 1.49 1.77 -19.33
N MSE A 57 2.65 2.01 -18.69
CA MSE A 57 3.69 2.80 -19.35
C MSE A 57 4.75 1.80 -19.81
O MSE A 57 5.23 1.03 -18.99
CB MSE A 57 4.32 3.83 -18.38
CG MSE A 57 5.06 4.95 -19.04
SE MSE A 57 3.74 6.20 -19.82
CE MSE A 57 3.18 7.21 -18.08
N ILE A 58 5.06 1.81 -21.09
CA ILE A 58 6.13 0.98 -21.67
C ILE A 58 7.26 1.94 -21.95
N GLU A 59 8.40 1.67 -21.33
CA GLU A 59 9.55 2.57 -21.35
C GLU A 59 10.80 1.76 -21.74
N GLN A 60 11.71 2.39 -22.47
CA GLN A 60 13.05 1.84 -22.71
C GLN A 60 14.07 2.93 -22.36
N TRP A 61 15.12 2.54 -21.66
CA TRP A 61 16.11 3.49 -21.21
C TRP A 61 17.46 2.93 -21.60
N ARG A 62 18.37 3.77 -22.05
CA ARG A 62 19.68 3.30 -22.50
C ARG A 62 20.41 2.52 -21.39
N ASP A 63 20.32 2.99 -20.16
CA ASP A 63 20.99 2.34 -19.04
C ASP A 63 20.33 2.77 -17.75
N ASP A 64 20.79 2.22 -16.63
CA ASP A 64 20.28 2.57 -15.31
C ASP A 64 20.44 4.04 -14.97
N ALA A 65 21.56 4.64 -15.42
CA ALA A 65 21.83 6.04 -15.11
C ALA A 65 20.78 6.94 -15.75
N ALA A 66 20.36 6.59 -16.96
CA ALA A 66 19.29 7.35 -17.63
C ALA A 66 17.98 7.24 -16.86
N LEU A 67 17.62 6.04 -16.43
CA LEU A 67 16.43 5.84 -15.60
C LEU A 67 16.52 6.61 -14.27
N GLU A 68 17.68 6.57 -13.65
CA GLU A 68 17.92 7.27 -12.38
C GLU A 68 17.75 8.79 -12.54
N ARG A 69 18.31 9.34 -13.60
CA ARG A 69 18.06 10.75 -13.93
C ARG A 69 16.55 11.09 -14.15
N HIS A 70 15.84 10.24 -14.88
CA HIS A 70 14.39 10.41 -15.04
C HIS A 70 13.65 10.67 -13.73
N GLN A 71 14.03 9.97 -12.67
CA GLN A 71 13.32 10.12 -11.38
C GLN A 71 13.66 11.37 -10.57
N ASN A 72 14.70 12.06 -11.01
CA ASN A 72 15.03 13.31 -10.40
C ASN A 72 14.48 14.50 -11.15
N THR A 73 13.73 14.24 -12.22
CA THR A 73 13.21 15.33 -13.03
C THR A 73 12.03 15.93 -12.32
N GLU A 74 11.76 17.17 -12.71
CA GLU A 74 10.64 17.98 -12.29
C GLU A 74 9.30 17.32 -12.63
N HIS A 75 9.13 16.90 -13.87
CA HIS A 75 7.91 16.22 -14.31
C HIS A 75 7.64 14.94 -13.53
N PHE A 76 8.67 14.14 -13.33
CA PHE A 76 8.49 12.92 -12.62
C PHE A 76 8.10 13.17 -11.16
N LEU A 77 8.77 14.12 -10.52
CA LEU A 77 8.44 14.42 -9.12
C LEU A 77 7.09 15.11 -8.96
N ARG A 78 6.66 15.89 -9.95
CA ARG A 78 5.31 16.44 -9.94
C ARG A 78 4.19 15.39 -9.96
N PHE A 79 4.46 14.26 -10.62
CA PHE A 79 3.51 13.16 -10.63
C PHE A 79 3.39 12.58 -9.20
N SER A 80 4.55 12.47 -8.54
CA SER A 80 4.62 11.98 -7.17
C SER A 80 3.91 12.89 -6.18
N ARG A 81 3.84 14.18 -6.48
CA ARG A 81 3.35 15.18 -5.52
C ARG A 81 1.84 15.35 -5.53
N GLY A 82 1.20 14.56 -4.69
CA GLY A 82 -0.20 14.76 -4.37
C GLY A 82 -1.09 13.70 -4.96
N ASN A 83 -0.57 12.79 -5.79
CA ASN A 83 -1.47 11.83 -6.45
C ASN A 83 -1.69 10.48 -5.73
N GLU A 84 -1.12 10.29 -4.55
CA GLU A 84 -1.15 8.97 -3.93
C GLU A 84 -2.59 8.46 -3.72
N ALA A 85 -3.53 9.35 -3.38
CA ALA A 85 -4.93 8.92 -3.19
C ALA A 85 -5.62 8.48 -4.48
N LEU A 86 -5.05 8.83 -5.63
CA LEU A 86 -5.57 8.40 -6.95
C LEU A 86 -5.18 6.95 -7.29
N LEU A 87 -4.27 6.36 -6.53
CA LEU A 87 -3.62 5.11 -6.89
C LEU A 87 -4.10 3.98 -6.00
N GLN A 88 -4.30 2.81 -6.57
CA GLN A 88 -4.58 1.61 -5.87
C GLN A 88 -3.32 0.70 -5.89
N ASN A 89 -2.61 0.69 -7.02
CA ASN A 89 -1.45 -0.23 -7.18
C ASN A 89 -0.50 0.28 -8.24
N VAL A 90 0.79 0.10 -8.03
CA VAL A 90 1.79 0.35 -9.05
C VAL A 90 2.71 -0.88 -9.06
N LYS A 91 2.79 -1.54 -10.20
CA LYS A 91 3.70 -2.66 -10.41
C LYS A 91 4.75 -2.20 -11.39
N ILE A 92 6.03 -2.48 -11.09
CA ILE A 92 7.10 -2.09 -11.93
C ILE A 92 7.83 -3.36 -12.33
N ASP A 93 7.87 -3.63 -13.64
CA ASP A 93 8.60 -4.77 -14.16
C ASP A 93 9.81 -4.25 -14.90
N GLN A 94 10.95 -4.86 -14.63
CA GLN A 94 12.17 -4.56 -15.31
C GLN A 94 12.62 -5.71 -16.19
N LEU A 95 13.00 -5.43 -17.47
CA LEU A 95 13.24 -6.51 -18.36
C LEU A 95 14.15 -6.13 -19.50
N TYR A 96 14.77 -7.17 -20.11
CA TYR A 96 15.66 -6.95 -21.23
C TYR A 96 15.27 -7.76 -22.44
N ARG A 97 15.30 -7.13 -23.60
CA ARG A 97 14.96 -7.80 -24.85
C ARG A 97 15.97 -8.94 -25.15
N LEU A 98 15.46 -10.08 -25.60
CA LEU A 98 16.30 -11.15 -26.10
C LEU A 98 16.41 -10.99 -27.61
N ALA A 99 17.59 -11.22 -28.16
CA ALA A 99 17.82 -11.01 -29.60
C ALA A 99 18.61 -12.16 -30.19
N HIS B 2 -16.86 9.43 6.16
CA HIS B 2 -15.97 10.27 7.02
C HIS B 2 -16.59 10.60 8.40
N MSE B 3 -17.48 11.58 8.47
CA MSE B 3 -17.66 12.40 9.69
C MSE B 3 -16.31 12.62 10.37
O MSE B 3 -16.14 12.44 11.57
CB MSE B 3 -18.68 11.78 10.65
CG MSE B 3 -20.12 11.96 10.18
SE MSE B 3 -20.64 13.83 9.73
CE MSE B 3 -20.16 14.73 11.50
N SER B 4 -15.37 13.00 9.53
CA SER B 4 -13.99 13.35 9.88
C SER B 4 -13.25 12.25 10.64
N THR B 5 -13.58 11.00 10.34
CA THR B 5 -12.79 9.86 10.78
C THR B 5 -11.49 9.96 10.03
N PRO B 6 -10.33 9.80 10.72
CA PRO B 6 -9.06 9.79 9.99
C PRO B 6 -9.04 8.80 8.81
N LEU B 7 -8.29 9.18 7.80
CA LEU B 7 -8.04 8.32 6.69
C LEU B 7 -6.87 7.39 7.09
N THR B 8 -7.14 6.09 7.09
CA THR B 8 -6.11 5.08 7.30
C THR B 8 -5.63 4.63 5.91
N LEU B 9 -4.32 4.56 5.76
CA LEU B 9 -3.73 4.08 4.53
C LEU B 9 -2.79 2.98 4.93
N ILE B 10 -2.84 1.88 4.20
CA ILE B 10 -1.88 0.79 4.35
C ILE B 10 -1.17 0.68 3.03
N ALA B 11 0.14 0.90 3.07
CA ALA B 11 0.95 0.76 1.88
C ALA B 11 1.75 -0.54 2.02
N THR B 12 1.52 -1.47 1.09
CA THR B 12 2.22 -2.73 1.04
C THR B 12 3.29 -2.62 -0.05
N ILE B 13 4.55 -2.71 0.35
CA ILE B 13 5.65 -2.39 -0.53
C ILE B 13 6.56 -3.63 -0.68
N THR B 14 6.75 -4.04 -1.94
CA THR B 14 7.52 -5.21 -2.30
C THR B 14 8.81 -4.74 -2.98
N ALA B 15 9.94 -5.06 -2.34
CA ALA B 15 11.23 -4.77 -2.88
C ALA B 15 11.56 -5.70 -4.05
N ALA B 16 12.26 -5.15 -5.03
CA ALA B 16 12.84 -5.90 -6.12
C ALA B 16 13.90 -6.84 -5.53
N PRO B 17 14.02 -8.04 -6.09
CA PRO B 17 14.98 -8.94 -5.46
C PRO B 17 16.39 -8.33 -5.38
N GLY B 18 17.07 -8.52 -4.25
CA GLY B 18 18.38 -7.94 -4.04
C GLY B 18 18.42 -6.50 -3.55
N HIS B 19 17.24 -5.86 -3.42
CA HIS B 19 17.17 -4.46 -2.99
C HIS B 19 16.47 -4.22 -1.67
N ALA B 20 16.25 -5.27 -0.88
CA ALA B 20 15.47 -5.13 0.30
C ALA B 20 16.19 -4.31 1.38
N GLU B 21 17.51 -4.43 1.43
CA GLU B 21 18.27 -3.70 2.45
C GLU B 21 18.18 -2.18 2.13
N ALA B 22 18.44 -1.82 0.89
CA ALA B 22 18.40 -0.42 0.47
C ALA B 22 16.99 0.15 0.66
N LEU B 23 16.00 -0.64 0.29
CA LEU B 23 14.60 -0.19 0.47
C LEU B 23 14.26 0.06 1.92
N GLU B 24 14.62 -0.86 2.80
CA GLU B 24 14.35 -0.70 4.20
C GLU B 24 14.94 0.60 4.75
N ARG B 25 16.17 0.90 4.37
CA ARG B 25 16.82 2.13 4.80
C ARG B 25 16.02 3.35 4.37
N GLU B 26 15.56 3.35 3.12
CA GLU B 26 14.71 4.46 2.59
C GLU B 26 13.37 4.55 3.26
N LEU B 27 12.77 3.42 3.60
CA LEU B 27 11.47 3.47 4.25
C LEU B 27 11.61 3.95 5.68
N ARG B 28 12.67 3.50 6.34
CA ARG B 28 12.98 3.95 7.69
C ARG B 28 13.20 5.46 7.77
N ALA B 29 13.83 6.03 6.75
CA ALA B 29 14.08 7.49 6.73
C ALA B 29 12.78 8.33 6.76
N LEU B 30 11.69 7.81 6.21
CA LEU B 30 10.40 8.53 6.17
C LEU B 30 9.72 8.71 7.54
N VAL B 31 9.96 7.77 8.43
CA VAL B 31 9.15 7.59 9.64
C VAL B 31 9.16 8.78 10.61
N ALA B 32 10.33 9.21 11.10
CA ALA B 32 10.37 10.32 12.04
C ALA B 32 9.81 11.62 11.49
N PRO B 33 10.24 12.05 10.28
CA PRO B 33 9.71 13.32 9.80
C PRO B 33 8.19 13.28 9.48
N SER B 34 7.70 12.14 9.03
CA SER B 34 6.29 11.93 8.74
C SER B 34 5.47 11.96 10.04
N ARG B 35 5.90 11.24 11.07
CA ARG B 35 5.22 11.31 12.39
C ARG B 35 5.06 12.73 12.95
N ALA B 36 6.06 13.60 12.73
CA ALA B 36 6.11 14.99 13.21
C ALA B 36 5.14 15.96 12.51
N GLU B 37 4.54 15.52 11.39
CA GLU B 37 3.60 16.37 10.63
C GLU B 37 2.31 16.50 11.45
N ALA B 38 1.74 17.71 11.48
CA ALA B 38 0.62 17.98 12.38
C ALA B 38 -0.60 17.13 12.03
N GLY B 39 -0.83 16.88 10.77
CA GLY B 39 -1.98 16.04 10.45
C GLY B 39 -1.72 14.53 10.41
N CYS B 40 -0.51 14.11 10.79
CA CYS B 40 -0.22 12.70 10.78
C CYS B 40 -0.55 12.11 12.15
N LEU B 41 -1.49 11.20 12.21
CA LEU B 41 -1.90 10.56 13.47
C LEU B 41 -1.21 9.23 13.77
N GLN B 42 -0.71 8.60 12.73
CA GLN B 42 0.09 7.34 12.81
C GLN B 42 0.97 7.24 11.63
N TYR B 43 2.21 6.77 11.83
CA TYR B 43 3.08 6.44 10.71
C TYR B 43 4.07 5.40 11.17
N ASP B 44 3.70 4.16 10.92
CA ASP B 44 4.44 3.00 11.41
C ASP B 44 4.84 2.09 10.25
N LEU B 45 6.12 1.70 10.29
CA LEU B 45 6.72 0.80 9.34
C LEU B 45 6.91 -0.58 9.94
N HIS B 46 6.59 -1.58 9.13
CA HIS B 46 6.65 -3.00 9.50
C HIS B 46 7.33 -3.82 8.41
N GLN B 47 7.92 -4.96 8.80
CA GLN B 47 8.34 -6.01 7.86
C GLN B 47 7.50 -7.26 8.05
N ASP B 48 7.21 -7.88 6.92
CA ASP B 48 6.54 -9.16 6.90
C ASP B 48 7.30 -10.17 7.70
N ARG B 49 6.53 -10.97 8.44
CA ARG B 49 7.06 -12.04 9.24
C ARG B 49 7.90 -13.08 8.48
N HIS B 50 7.53 -13.39 7.25
CA HIS B 50 8.16 -14.49 6.50
C HIS B 50 8.85 -14.10 5.19
N ASP B 51 8.50 -12.96 4.62
CA ASP B 51 9.13 -12.46 3.40
C ASP B 51 9.91 -11.17 3.64
N SER B 52 11.21 -11.25 3.56
CA SER B 52 12.08 -10.11 3.89
C SER B 52 11.90 -8.94 2.92
N HIS B 53 11.32 -9.21 1.74
CA HIS B 53 11.20 -8.19 0.72
C HIS B 53 9.89 -7.39 0.80
N LEU B 54 9.06 -7.73 1.79
CA LEU B 54 7.75 -7.15 1.95
C LEU B 54 7.72 -6.28 3.17
N PHE B 55 7.27 -5.05 2.97
CA PHE B 55 7.10 -4.08 4.01
C PHE B 55 5.70 -3.50 4.02
N TYR B 56 5.26 -3.02 5.16
CA TYR B 56 3.96 -2.39 5.28
C TYR B 56 4.06 -1.09 6.06
N MSE B 57 3.51 0.00 5.51
CA MSE B 57 3.40 1.22 6.24
C MSE B 57 1.95 1.36 6.64
O MSE B 57 1.10 1.34 5.77
CB MSE B 57 3.81 2.41 5.38
CG MSE B 57 4.10 3.67 6.13
SE MSE B 57 5.89 3.47 7.06
CE MSE B 57 7.00 3.97 5.46
N ILE B 58 1.68 1.50 7.94
CA ILE B 58 0.30 1.81 8.41
C ILE B 58 0.26 3.30 8.81
N GLU B 59 -0.60 4.05 8.15
CA GLU B 59 -0.61 5.47 8.32
C GLU B 59 -2.02 5.91 8.67
N GLN B 60 -2.11 6.96 9.47
CA GLN B 60 -3.40 7.69 9.65
C GLN B 60 -3.17 9.16 9.38
N TRP B 61 -4.12 9.75 8.65
CA TRP B 61 -4.07 11.13 8.25
C TRP B 61 -5.37 11.78 8.67
N ARG B 62 -5.27 12.98 9.21
CA ARG B 62 -6.51 13.73 9.66
C ARG B 62 -7.56 13.85 8.56
N ASP B 63 -7.10 14.12 7.36
CA ASP B 63 -7.94 14.27 6.16
C ASP B 63 -7.10 14.16 4.90
N ASP B 64 -7.75 14.16 3.75
CA ASP B 64 -7.01 14.18 2.45
C ASP B 64 -5.97 15.32 2.35
N ALA B 65 -6.32 16.49 2.84
CA ALA B 65 -5.38 17.64 2.75
C ALA B 65 -4.07 17.38 3.50
N ALA B 66 -4.16 16.68 4.62
CA ALA B 66 -2.95 16.34 5.40
C ALA B 66 -2.07 15.35 4.60
N LEU B 67 -2.72 14.38 3.95
CA LEU B 67 -1.99 13.45 3.11
C LEU B 67 -1.33 14.19 1.94
N GLU B 68 -2.05 15.12 1.33
CA GLU B 68 -1.55 15.92 0.19
C GLU B 68 -0.30 16.74 0.63
N ARG B 69 -0.36 17.32 1.83
CA ARG B 69 0.77 18.10 2.36
C ARG B 69 1.97 17.26 2.59
N HIS B 70 1.75 16.06 3.12
CA HIS B 70 2.81 15.03 3.30
C HIS B 70 3.58 14.83 2.01
N GLN B 71 2.87 14.82 0.90
CA GLN B 71 3.49 14.57 -0.40
C GLN B 71 4.32 15.74 -0.96
N ASN B 72 4.22 16.90 -0.34
CA ASN B 72 5.02 18.07 -0.73
C ASN B 72 6.26 18.30 0.17
N THR B 73 6.54 17.37 1.07
CA THR B 73 7.68 17.46 1.99
C THR B 73 8.97 16.96 1.37
N GLU B 74 10.10 17.37 1.92
CA GLU B 74 11.38 16.88 1.46
C GLU B 74 11.51 15.37 1.63
N HIS B 75 11.01 14.82 2.75
CA HIS B 75 11.17 13.41 2.99
C HIS B 75 10.40 12.56 1.97
N PHE B 76 9.23 13.04 1.57
CA PHE B 76 8.43 12.24 0.68
C PHE B 76 9.08 12.27 -0.71
N LEU B 77 9.53 13.45 -1.09
CA LEU B 77 10.16 13.66 -2.38
C LEU B 77 11.47 12.90 -2.50
N ARG B 78 12.27 12.88 -1.43
CA ARG B 78 13.46 12.04 -1.35
C ARG B 78 13.19 10.54 -1.65
N PHE B 79 12.14 10.01 -1.05
CA PHE B 79 11.75 8.63 -1.28
C PHE B 79 11.37 8.43 -2.76
N SER B 80 10.65 9.39 -3.31
CA SER B 80 10.19 9.34 -4.69
C SER B 80 11.33 9.38 -5.68
N ARG B 81 12.44 10.03 -5.33
CA ARG B 81 13.59 10.07 -6.21
C ARG B 81 14.25 8.69 -6.25
N GLY B 82 14.40 8.16 -7.44
CA GLY B 82 15.40 7.14 -7.71
C GLY B 82 15.22 5.80 -7.06
N ASN B 83 14.09 5.58 -6.39
CA ASN B 83 13.84 4.29 -5.78
C ASN B 83 12.91 3.39 -6.61
N GLU B 84 12.50 3.88 -7.77
CA GLU B 84 11.65 3.07 -8.65
C GLU B 84 12.31 1.73 -8.96
N ALA B 85 13.63 1.72 -9.13
CA ALA B 85 14.32 0.46 -9.47
C ALA B 85 14.44 -0.51 -8.28
N LEU B 86 14.24 0.01 -7.06
CA LEU B 86 14.21 -0.81 -5.85
C LEU B 86 12.90 -1.54 -5.60
N LEU B 87 11.82 -1.10 -6.26
CA LEU B 87 10.45 -1.61 -6.01
C LEU B 87 10.01 -2.56 -7.11
N GLN B 88 9.24 -3.54 -6.75
CA GLN B 88 8.55 -4.23 -7.76
C GLN B 88 7.07 -3.98 -7.67
N ASN B 89 6.56 -3.65 -6.50
CA ASN B 89 5.12 -3.34 -6.36
C ASN B 89 4.84 -2.49 -5.18
N VAL B 90 3.87 -1.60 -5.29
CA VAL B 90 3.31 -0.90 -4.13
C VAL B 90 1.80 -0.92 -4.30
N LYS B 91 1.13 -1.48 -3.31
CA LYS B 91 -0.31 -1.49 -3.19
C LYS B 91 -0.69 -0.46 -2.13
N ILE B 92 -1.70 0.34 -2.41
CA ILE B 92 -2.20 1.33 -1.50
C ILE B 92 -3.66 1.04 -1.20
N ASP B 93 -3.96 0.77 0.07
CA ASP B 93 -5.33 0.60 0.57
C ASP B 93 -5.71 1.82 1.37
N GLN B 94 -6.91 2.29 1.09
CA GLN B 94 -7.54 3.42 1.79
C GLN B 94 -8.81 2.95 2.51
N LEU B 95 -8.86 3.26 3.79
CA LEU B 95 -9.85 2.71 4.65
C LEU B 95 -10.22 3.68 5.77
N TYR B 96 -11.40 3.49 6.35
CA TYR B 96 -11.84 4.22 7.48
C TYR B 96 -12.27 3.32 8.62
N ARG B 97 -11.83 3.66 9.82
CA ARG B 97 -12.21 2.93 11.03
C ARG B 97 -13.74 2.96 11.22
N LEU B 98 -14.32 1.81 11.55
CA LEU B 98 -15.69 1.74 12.00
C LEU B 98 -15.73 1.79 13.53
N ALA B 99 -16.53 2.70 14.08
CA ALA B 99 -16.70 2.81 15.53
C ALA B 99 -18.16 3.10 15.89
N GLY C 1 10.66 -10.63 33.15
CA GLY C 1 10.18 -10.74 31.74
C GLY C 1 10.64 -9.61 30.84
N HIS C 2 10.37 -9.71 29.54
CA HIS C 2 10.64 -8.60 28.62
C HIS C 2 9.49 -8.53 27.63
N MSE C 3 9.20 -7.33 27.13
CA MSE C 3 8.11 -7.18 26.21
C MSE C 3 8.61 -7.26 24.76
O MSE C 3 9.36 -6.40 24.29
CB MSE C 3 7.41 -5.87 26.43
CG MSE C 3 6.35 -5.65 25.40
SE MSE C 3 4.92 -4.73 26.17
CE MSE C 3 3.48 -6.21 25.97
N SER C 4 8.17 -8.31 24.08
CA SER C 4 8.52 -8.54 22.69
C SER C 4 7.78 -7.57 21.82
N THR C 5 8.29 -7.33 20.62
CA THR C 5 7.55 -6.56 19.63
C THR C 5 6.27 -7.33 19.39
N PRO C 6 5.11 -6.66 19.48
CA PRO C 6 3.87 -7.39 19.19
C PRO C 6 3.80 -7.92 17.78
N LEU C 7 3.01 -8.98 17.62
CA LEU C 7 2.70 -9.50 16.32
C LEU C 7 1.55 -8.65 15.72
N THR C 8 1.77 -7.98 14.60
CA THR C 8 0.73 -7.24 13.94
C THR C 8 0.12 -8.15 12.84
N LEU C 9 -1.20 -8.17 12.79
CA LEU C 9 -1.95 -8.85 11.71
C LEU C 9 -2.81 -7.85 10.98
N ILE C 10 -2.85 -7.94 9.65
CA ILE C 10 -3.81 -7.24 8.85
C ILE C 10 -4.66 -8.30 8.14
N ALA C 11 -5.95 -8.29 8.43
CA ALA C 11 -6.92 -9.21 7.79
C ALA C 11 -7.67 -8.45 6.76
N THR C 12 -7.63 -8.88 5.51
CA THR C 12 -8.36 -8.26 4.45
C THR C 12 -9.48 -9.23 4.12
N ILE C 13 -10.73 -8.77 4.35
CA ILE C 13 -11.95 -9.60 4.34
C ILE C 13 -12.94 -9.07 3.31
N THR C 14 -13.27 -9.90 2.32
CA THR C 14 -14.17 -9.56 1.23
C THR C 14 -15.51 -10.27 1.42
N ALA C 15 -16.58 -9.47 1.52
CA ALA C 15 -17.92 -9.98 1.60
C ALA C 15 -18.31 -10.55 0.27
N ALA C 16 -19.06 -11.63 0.28
CA ALA C 16 -19.62 -12.17 -0.93
C ALA C 16 -20.63 -11.14 -1.43
N PRO C 17 -20.82 -11.02 -2.75
CA PRO C 17 -21.78 -10.08 -3.33
C PRO C 17 -23.17 -10.14 -2.70
N GLY C 18 -23.70 -8.99 -2.29
CA GLY C 18 -25.00 -8.92 -1.66
C GLY C 18 -25.01 -9.16 -0.16
N HIS C 19 -23.84 -9.35 0.43
CA HIS C 19 -23.76 -9.70 1.86
C HIS C 19 -22.93 -8.76 2.75
N ALA C 20 -22.68 -7.53 2.30
CA ALA C 20 -21.78 -6.66 3.09
C ALA C 20 -22.41 -6.25 4.41
N GLU C 21 -23.74 -6.13 4.48
CA GLU C 21 -24.36 -5.69 5.74
C GLU C 21 -24.29 -6.80 6.76
N ALA C 22 -24.58 -8.03 6.36
CA ALA C 22 -24.48 -9.19 7.27
C ALA C 22 -23.05 -9.39 7.73
N LEU C 23 -22.10 -9.27 6.80
CA LEU C 23 -20.71 -9.43 7.17
C LEU C 23 -20.27 -8.32 8.14
N GLU C 24 -20.63 -7.06 7.85
CA GLU C 24 -20.16 -5.97 8.72
C GLU C 24 -20.68 -6.20 10.14
N ARG C 25 -21.94 -6.58 10.21
CA ARG C 25 -22.56 -7.00 11.46
C ARG C 25 -21.77 -8.08 12.17
N GLU C 26 -21.32 -9.10 11.45
CA GLU C 26 -20.62 -10.24 12.09
C GLU C 26 -19.22 -9.83 12.53
N LEU C 27 -18.60 -8.96 11.74
CA LEU C 27 -17.28 -8.47 12.09
C LEU C 27 -17.30 -7.49 13.27
N ARG C 28 -18.30 -6.62 13.31
CA ARG C 28 -18.45 -5.68 14.43
C ARG C 28 -18.59 -6.41 15.78
N ALA C 29 -19.30 -7.53 15.76
CA ALA C 29 -19.42 -8.43 16.94
C ALA C 29 -18.13 -8.94 17.52
N LEU C 30 -17.09 -9.07 16.70
CA LEU C 30 -15.83 -9.62 17.18
C LEU C 30 -15.04 -8.58 17.99
N VAL C 31 -15.35 -7.31 17.75
CA VAL C 31 -14.43 -6.23 18.16
C VAL C 31 -14.33 -6.08 19.67
N ALA C 32 -15.45 -5.94 20.38
CA ALA C 32 -15.35 -5.69 21.83
C ALA C 32 -14.75 -6.88 22.55
N PRO C 33 -15.24 -8.11 22.29
CA PRO C 33 -14.64 -9.21 23.00
C PRO C 33 -13.19 -9.41 22.66
N SER C 34 -12.81 -9.16 21.41
CA SER C 34 -11.40 -9.39 21.01
C SER C 34 -10.49 -8.34 21.67
N ARG C 35 -10.91 -7.07 21.66
CA ARG C 35 -10.20 -5.99 22.43
C ARG C 35 -10.00 -6.31 23.92
N ALA C 36 -10.95 -6.98 24.52
CA ALA C 36 -10.93 -7.25 25.95
C ALA C 36 -9.90 -8.35 26.31
N GLU C 37 -9.49 -9.17 25.34
CA GLU C 37 -8.58 -10.27 25.60
C GLU C 37 -7.29 -9.71 26.16
N ALA C 38 -6.79 -10.38 27.20
CA ALA C 38 -5.61 -9.92 27.94
C ALA C 38 -4.45 -9.59 27.03
N GLY C 39 -4.22 -10.44 26.03
CA GLY C 39 -3.10 -10.30 25.13
C GLY C 39 -3.29 -9.46 23.88
N CYS C 40 -4.44 -8.80 23.77
CA CYS C 40 -4.73 -8.01 22.57
C CYS C 40 -4.33 -6.56 22.82
N LEU C 41 -3.42 -6.04 21.99
CA LEU C 41 -2.94 -4.65 22.02
C LEU C 41 -3.71 -3.69 21.07
N GLN C 42 -4.36 -4.27 20.06
CA GLN C 42 -5.14 -3.46 19.12
C GLN C 42 -6.05 -4.44 18.40
N TYR C 43 -7.26 -4.02 18.17
CA TYR C 43 -8.18 -4.79 17.30
C TYR C 43 -9.19 -3.81 16.75
N ASP C 44 -8.94 -3.33 15.54
CA ASP C 44 -9.65 -2.23 14.92
C ASP C 44 -10.20 -2.68 13.58
N LEU C 45 -11.49 -2.40 13.40
CA LEU C 45 -12.24 -2.74 12.18
C LEU C 45 -12.36 -1.51 11.29
N HIS C 46 -12.12 -1.69 9.99
CA HIS C 46 -12.24 -0.63 8.99
C HIS C 46 -12.97 -1.07 7.73
N GLN C 47 -13.61 -0.13 7.05
CA GLN C 47 -14.17 -0.38 5.72
C GLN C 47 -13.29 0.32 4.64
N ASP C 48 -13.06 -0.35 3.52
CA ASP C 48 -12.43 0.28 2.36
C ASP C 48 -13.17 1.56 1.96
N ARG C 49 -12.40 2.59 1.64
CA ARG C 49 -12.98 3.85 1.20
C ARG C 49 -13.79 3.76 -0.10
N HIS C 50 -13.40 2.87 -1.02
CA HIS C 50 -13.96 2.81 -2.39
C HIS C 50 -14.52 1.44 -2.75
N ASP C 51 -14.71 0.53 -1.80
CA ASP C 51 -15.37 -0.75 -2.07
C ASP C 51 -16.14 -1.20 -0.85
N SER C 52 -17.47 -1.17 -0.95
CA SER C 52 -18.36 -1.45 0.18
C SER C 52 -18.26 -2.89 0.70
N HIS C 53 -17.70 -3.80 -0.10
CA HIS C 53 -17.57 -5.21 0.32
C HIS C 53 -16.20 -5.57 0.88
N LEU C 54 -15.26 -4.61 0.94
CA LEU C 54 -13.94 -4.85 1.54
C LEU C 54 -13.80 -4.22 2.93
N PHE C 55 -13.34 -5.04 3.87
CA PHE C 55 -13.11 -4.65 5.25
C PHE C 55 -11.70 -5.03 5.63
N TYR C 56 -11.20 -4.36 6.67
CA TYR C 56 -9.82 -4.62 7.16
C TYR C 56 -9.86 -4.68 8.66
N MSE C 57 -9.31 -5.74 9.22
CA MSE C 57 -9.00 -5.75 10.63
C MSE C 57 -7.51 -5.48 10.81
O MSE C 57 -6.69 -6.10 10.16
CB MSE C 57 -9.42 -7.09 11.27
CG MSE C 57 -9.66 -6.96 12.73
SE MSE C 57 -11.40 -6.17 13.09
CE MSE C 57 -12.67 -7.76 12.61
N ILE C 58 -7.17 -4.53 11.66
CA ILE C 58 -5.78 -4.30 12.04
C ILE C 58 -5.63 -4.74 13.50
N GLU C 59 -4.74 -5.69 13.76
CA GLU C 59 -4.68 -6.33 15.09
C GLU C 59 -3.24 -6.33 15.59
N GLN C 60 -3.07 -6.27 16.89
CA GLN C 60 -1.76 -6.52 17.52
C GLN C 60 -1.96 -7.46 18.68
N TRP C 61 -1.09 -8.49 18.72
CA TRP C 61 -1.16 -9.56 19.72
C TRP C 61 0.19 -9.58 20.49
N ARG C 62 0.14 -9.83 21.79
CA ARG C 62 1.35 -9.85 22.60
C ARG C 62 2.39 -10.81 22.00
N ASP C 63 1.93 -11.98 21.59
CA ASP C 63 2.78 -13.04 21.04
C ASP C 63 1.89 -14.13 20.38
N ASP C 64 2.53 -15.15 19.80
CA ASP C 64 1.81 -16.26 19.14
C ASP C 64 0.84 -16.95 20.11
N ALA C 65 1.19 -17.07 21.38
CA ALA C 65 0.29 -17.76 22.32
C ALA C 65 -1.01 -16.97 22.49
N ALA C 66 -0.93 -15.64 22.57
CA ALA C 66 -2.15 -14.81 22.69
C ALA C 66 -3.00 -14.92 21.43
N LEU C 67 -2.34 -14.98 20.26
CA LEU C 67 -3.08 -15.17 19.00
C LEU C 67 -3.74 -16.54 18.97
N GLU C 68 -3.00 -17.57 19.35
CA GLU C 68 -3.53 -18.91 19.40
C GLU C 68 -4.77 -18.97 20.33
N ARG C 69 -4.69 -18.34 21.50
CA ARG C 69 -5.86 -18.36 22.40
C ARG C 69 -7.02 -17.63 21.71
N HIS C 70 -6.75 -16.52 21.05
CA HIS C 70 -7.80 -15.75 20.32
C HIS C 70 -8.53 -16.68 19.34
N GLN C 71 -7.78 -17.58 18.68
CA GLN C 71 -8.36 -18.56 17.77
C GLN C 71 -9.16 -19.69 18.46
N ASN C 72 -9.07 -19.80 19.81
CA ASN C 72 -9.88 -20.73 20.66
C ASN C 72 -11.22 -20.12 21.16
N THR C 73 -11.41 -18.80 20.99
CA THR C 73 -12.50 -18.10 21.69
C THR C 73 -13.89 -18.31 21.06
N GLU C 74 -14.94 -18.24 21.88
CA GLU C 74 -16.30 -18.42 21.38
C GLU C 74 -16.56 -17.47 20.23
N HIS C 75 -16.15 -16.19 20.40
CA HIS C 75 -16.45 -15.14 19.40
C HIS C 75 -15.70 -15.37 18.08
N PHE C 76 -14.47 -15.88 18.15
CA PHE C 76 -13.74 -16.25 16.94
C PHE C 76 -14.33 -17.52 16.26
N LEU C 77 -14.56 -18.58 17.03
CA LEU C 77 -15.21 -19.80 16.53
C LEU C 77 -16.63 -19.55 15.98
N ARG C 78 -17.32 -18.55 16.54
CA ARG C 78 -18.60 -18.09 16.00
C ARG C 78 -18.34 -17.58 14.59
N PHE C 79 -17.27 -16.83 14.40
CA PHE C 79 -16.98 -16.31 13.05
C PHE C 79 -16.45 -17.38 12.07
N SER C 80 -16.83 -18.64 12.30
CA SER C 80 -16.50 -19.76 11.41
C SER C 80 -17.74 -20.64 11.28
N ARG C 81 -18.85 -19.97 11.01
CA ARG C 81 -20.15 -20.59 11.01
C ARG C 81 -21.10 -19.75 10.13
N GLY C 82 -21.70 -20.39 9.12
CA GLY C 82 -22.73 -19.75 8.28
C GLY C 82 -22.20 -18.58 7.47
N ASN C 83 -20.88 -18.53 7.33
CA ASN C 83 -20.22 -17.40 6.69
C ASN C 83 -19.54 -17.73 5.35
N GLU C 84 -19.39 -19.02 5.01
CA GLU C 84 -18.91 -19.39 3.65
C GLU C 84 -19.77 -18.68 2.60
N ALA C 85 -21.06 -18.56 2.92
CA ALA C 85 -22.02 -17.78 2.14
C ALA C 85 -21.77 -16.25 2.24
N LEU C 86 -21.33 -15.75 3.38
CA LEU C 86 -21.07 -14.31 3.57
C LEU C 86 -19.67 -13.89 3.14
N LEU C 87 -18.72 -14.83 3.14
CA LEU C 87 -17.31 -14.56 2.92
C LEU C 87 -16.83 -15.08 1.60
N GLN C 88 -16.39 -14.15 0.77
CA GLN C 88 -15.78 -14.48 -0.47
C GLN C 88 -14.29 -14.84 -0.29
N ASN C 89 -13.60 -14.08 0.56
CA ASN C 89 -12.15 -14.24 0.70
C ASN C 89 -11.68 -13.62 2.01
N VAL C 90 -10.74 -14.28 2.68
CA VAL C 90 -10.02 -13.70 3.79
C VAL C 90 -8.53 -13.86 3.46
N LYS C 91 -7.77 -12.77 3.63
CA LYS C 91 -6.31 -12.79 3.52
C LYS C 91 -5.72 -12.23 4.82
N ILE C 92 -4.74 -12.92 5.37
CA ILE C 92 -4.12 -12.47 6.60
C ILE C 92 -2.65 -12.28 6.33
N ASP C 93 -2.15 -11.10 6.67
CA ASP C 93 -0.72 -10.80 6.64
C ASP C 93 -0.23 -10.68 8.08
N GLN C 94 0.97 -11.20 8.29
CA GLN C 94 1.63 -11.16 9.59
C GLN C 94 2.89 -10.33 9.46
N LEU C 95 3.06 -9.44 10.42
CA LEU C 95 4.13 -8.44 10.34
C LEU C 95 4.62 -7.98 11.71
N TYR C 96 5.86 -7.47 11.72
CA TYR C 96 6.46 -6.88 12.94
C TYR C 96 6.91 -5.43 12.69
N ARG C 97 6.56 -4.55 13.65
CA ARG C 97 6.86 -3.15 13.58
C ARG C 97 8.41 -3.05 13.63
N LEU C 98 8.97 -2.20 12.80
CA LEU C 98 10.37 -1.82 12.86
C LEU C 98 10.50 -0.50 13.65
N ALA C 99 11.59 -0.39 14.40
CA ALA C 99 11.99 0.86 15.09
C ALA C 99 11.70 2.11 14.27
S SO4 D . -2.57 -15.61 27.13
O1 SO4 D . -1.81 -16.25 26.07
O2 SO4 D . -1.86 -15.60 28.39
O3 SO4 D . -2.96 -14.19 27.03
O4 SO4 D . -3.77 -16.35 27.09
#